data_5LIU
#
_entry.id   5LIU
#
_cell.length_a   79.393
_cell.length_b   79.393
_cell.length_c   50.093
_cell.angle_alpha   90.00
_cell.angle_beta   90.00
_cell.angle_gamma   120.00
#
_symmetry.space_group_name_H-M   'P 31'
#
loop_
_entity.id
_entity.type
_entity.pdbx_description
1 polymer 'Aldo-keto reductase family 1 member B10'
2 non-polymer 'NADP NICOTINAMIDE-ADENINE-DINUCLEOTIDE PHOSPHATE'
3 non-polymer '(2-{[(4-BROMO-2-FLUOROBENZYL)AMINO]CARBONYL}-5-CHLOROPHENOXY)ACETIC ACID'
4 non-polymer 1,2-ETHANEDIOL
5 water water
#
_entity_poly.entity_id   1
_entity_poly.type   'polypeptide(L)'
_entity_poly.pdbx_seq_one_letter_code
;MATFVELSTKA(MLZ)MPIVGLGTWKSPLG(MLY)VKEAV(MLY)VAIDAGYRHIDCAYVYQNEHEVGEAIQE(MLZ)IQ
E(MLY)AVKREDLFIVSKLWPTFFERPLVRKAFE(MLY)TL(MLZ)DLKLSYLDVYLIHWPQGFKSGDDLFPRDDKGNAI
GGKATFLDAWEAMEELVDEGLV(MLZ)ALGVSNFSHFQIEKLLNKPGL(MLZ)YKPVTNQVECHPYLTQEKLIQYCHS
(MLY)GITVTAYSPLGSPDRPWAKPEDPSLLEDP(MLZ)IKEIAAKH(MLY)(MLZ)TAAQVLIRFHIQRNVIVIP
(MLY)SVTPARIVENIQVFDFKLSDEEMATILSFNRNWRACNLLQSSHLEDYPFNAEY
;
_entity_poly.pdbx_strand_id   X
#
loop_
_chem_comp.id
_chem_comp.type
_chem_comp.name
_chem_comp.formula
388 non-polymer '(2-{[(4-BROMO-2-FLUOROBENZYL)AMINO]CARBONYL}-5-CHLOROPHENOXY)ACETIC ACID' 'C16 H12 Br Cl F N O4'
EDO non-polymer 1,2-ETHANEDIOL 'C2 H6 O2'
NAP non-polymer 'NADP NICOTINAMIDE-ADENINE-DINUCLEOTIDE PHOSPHATE' 'C21 H28 N7 O17 P3'
#
# COMPACT_ATOMS: atom_id res chain seq x y z
N MET A 1 -17.00 -9.73 0.42
CA MET A 1 -16.58 -9.55 -0.98
C MET A 1 -16.65 -8.08 -1.40
N ALA A 2 -15.51 -7.57 -1.87
CA ALA A 2 -15.33 -6.16 -2.19
C ALA A 2 -15.81 -5.76 -3.59
N THR A 3 -16.15 -4.48 -3.75
CA THR A 3 -16.32 -3.89 -5.06
C THR A 3 -14.92 -3.60 -5.59
N PHE A 4 -14.83 -3.02 -6.78
CA PHE A 4 -13.56 -2.82 -7.46
C PHE A 4 -13.35 -1.37 -7.87
N VAL A 5 -12.09 -1.00 -8.05
CA VAL A 5 -11.76 0.24 -8.74
C VAL A 5 -11.08 -0.20 -10.02
N GLU A 6 -11.54 0.33 -11.16
CA GLU A 6 -10.97 -0.03 -12.44
C GLU A 6 -9.69 0.76 -12.70
N LEU A 7 -8.64 0.06 -13.09
CA LEU A 7 -7.36 0.68 -13.42
C LEU A 7 -7.37 1.09 -14.89
N SER A 8 -6.36 1.83 -15.29
CA SER A 8 -6.26 2.30 -16.67
C SER A 8 -5.99 1.15 -17.64
N THR A 9 -5.60 0.00 -17.08
CA THR A 9 -5.32 -1.20 -17.87
C THR A 9 -6.58 -2.04 -17.94
N LYS A 10 -7.65 -1.51 -17.34
CA LYS A 10 -8.96 -2.16 -17.27
C LYS A 10 -9.01 -3.31 -16.28
N ALA A 11 -7.88 -3.71 -15.73
CA ALA A 11 -7.89 -4.70 -14.65
C ALA A 11 -8.71 -4.19 -13.48
N MLZ A 12 -9.30 -5.10 -12.70
CA MLZ A 12 -10.14 -4.70 -11.58
CB MLZ A 12 -11.47 -5.45 -11.68
CG MLZ A 12 -12.28 -4.89 -12.85
CD MLZ A 12 -13.60 -5.64 -13.03
CE MLZ A 12 -13.39 -6.92 -13.84
NZ MLZ A 12 -14.64 -7.42 -14.42
CM MLZ A 12 -14.81 -7.41 -15.86
C MLZ A 12 -9.48 -4.94 -10.23
O MLZ A 12 -9.30 -6.06 -9.81
N MET A 13 -9.12 -3.84 -9.56
CA MET A 13 -8.45 -3.88 -8.26
C MET A 13 -9.46 -3.84 -7.13
N PRO A 14 -9.57 -4.93 -6.36
CA PRO A 14 -10.50 -4.97 -5.23
C PRO A 14 -10.26 -3.81 -4.26
N ILE A 15 -11.33 -3.16 -3.83
CA ILE A 15 -11.21 -1.89 -3.12
C ILE A 15 -10.76 -2.04 -1.64
N VAL A 16 -10.90 -3.25 -1.09
CA VAL A 16 -10.33 -3.57 0.21
C VAL A 16 -9.29 -4.69 0.02
N GLY A 17 -8.08 -4.46 0.52
CA GLY A 17 -7.05 -5.50 0.47
C GLY A 17 -6.52 -5.81 1.86
N LEU A 18 -5.79 -6.91 2.00
CA LEU A 18 -5.15 -7.22 3.28
C LEU A 18 -3.70 -6.71 3.35
N GLY A 19 -3.44 -5.82 4.30
CA GLY A 19 -2.08 -5.42 4.62
C GLY A 19 -1.31 -6.53 5.35
N THR A 20 0.01 -6.55 5.17
CA THR A 20 0.83 -7.62 5.75
C THR A 20 2.12 -7.12 6.42
N TRP A 21 2.29 -5.80 6.51
CA TRP A 21 3.43 -5.23 7.20
C TRP A 21 3.37 -5.54 8.70
N LYS A 22 4.45 -6.14 9.21
CA LYS A 22 4.57 -6.51 10.61
C LYS A 22 3.76 -7.74 10.98
N SER A 23 3.14 -8.36 9.98
CA SER A 23 2.45 -9.61 10.23
C SER A 23 3.48 -10.69 10.54
N PRO A 24 3.50 -11.22 11.77
CA PRO A 24 4.60 -12.12 12.15
C PRO A 24 4.51 -13.46 11.43
N LEU A 25 5.65 -14.11 11.25
CA LEU A 25 5.69 -15.48 10.74
C LEU A 25 5.02 -16.36 11.79
N GLY A 26 4.14 -17.24 11.34
CA GLY A 26 3.40 -18.06 12.29
C GLY A 26 2.02 -17.48 12.55
N MLY A 27 1.81 -16.27 12.05
CA MLY A 27 0.49 -15.69 12.06
CB MLY A 27 0.35 -14.63 13.16
CG MLY A 27 0.10 -15.24 14.54
CD MLY A 27 -0.16 -14.21 15.61
CE MLY A 27 1.14 -13.79 16.30
NZ MLY A 27 0.96 -12.57 17.14
CH1 MLY A 27 0.05 -12.91 18.24
CH2 MLY A 27 2.27 -12.23 17.71
C MLY A 27 0.04 -15.19 10.68
O MLY A 27 -1.15 -15.22 10.38
N VAL A 28 0.98 -14.78 9.83
CA VAL A 28 0.61 -14.22 8.52
C VAL A 28 -0.03 -15.26 7.60
N LYS A 29 0.44 -16.50 7.69
CA LYS A 29 -0.14 -17.60 6.92
C LYS A 29 -1.62 -17.76 7.28
N GLU A 30 -1.93 -17.86 8.57
CA GLU A 30 -3.32 -18.01 8.99
CA GLU A 30 -3.31 -18.00 9.02
C GLU A 30 -4.12 -16.76 8.66
N ALA A 31 -3.47 -15.61 8.75
CA ALA A 31 -4.09 -14.33 8.41
C ALA A 31 -4.56 -14.29 6.96
N VAL A 32 -3.71 -14.75 6.05
CA VAL A 32 -4.04 -14.76 4.62
C VAL A 32 -5.16 -15.75 4.32
N MLY A 33 -5.08 -16.93 4.94
CA MLY A 33 -6.11 -17.96 4.81
CB MLY A 33 -5.67 -19.22 5.54
CG MLY A 33 -4.44 -19.91 4.93
CD MLY A 33 -3.85 -20.96 5.86
CE MLY A 33 -4.92 -21.93 6.34
NZ MLY A 33 -4.35 -23.18 6.93
CH1 MLY A 33 -3.26 -22.81 7.84
CH2 MLY A 33 -5.41 -23.79 7.75
C MLY A 33 -7.49 -17.47 5.30
O MLY A 33 -8.50 -17.64 4.61
N VAL A 34 -7.51 -16.85 6.47
CA VAL A 34 -8.74 -16.29 7.01
C VAL A 34 -9.32 -15.17 6.12
N ALA A 35 -8.45 -14.33 5.60
CA ALA A 35 -8.88 -13.24 4.70
C ALA A 35 -9.55 -13.79 3.43
N ILE A 36 -8.92 -14.79 2.81
CA ILE A 36 -9.46 -15.40 1.61
C ILE A 36 -10.82 -16.07 1.90
N ASP A 37 -10.89 -16.80 3.01
CA ASP A 37 -12.16 -17.38 3.43
C ASP A 37 -13.22 -16.30 3.59
N ALA A 38 -12.79 -15.13 4.05
CA ALA A 38 -13.70 -14.04 4.33
C ALA A 38 -14.06 -13.21 3.10
N GLY A 39 -13.38 -13.49 1.98
CA GLY A 39 -13.72 -12.81 0.74
C GLY A 39 -12.67 -11.83 0.23
N TYR A 40 -11.59 -11.64 0.98
CA TYR A 40 -10.49 -10.81 0.51
C TYR A 40 -9.86 -11.47 -0.73
N ARG A 41 -9.57 -10.67 -1.74
CA ARG A 41 -8.90 -11.17 -2.95
C ARG A 41 -7.60 -10.40 -3.21
N HIS A 42 -7.54 -9.18 -2.68
CA HIS A 42 -6.40 -8.29 -2.78
C HIS A 42 -5.50 -8.48 -1.55
N ILE A 43 -4.24 -8.84 -1.78
CA ILE A 43 -3.24 -8.93 -0.70
C ILE A 43 -2.07 -7.96 -1.00
N ASP A 44 -1.73 -7.11 -0.01
CA ASP A 44 -0.64 -6.15 -0.18
C ASP A 44 0.62 -6.62 0.53
N CYS A 45 1.69 -6.78 -0.24
CA CYS A 45 2.91 -7.41 0.21
C CYS A 45 4.12 -6.49 -0.05
N ALA A 46 5.27 -6.85 0.50
CA ALA A 46 6.52 -6.18 0.17
C ALA A 46 7.74 -7.03 0.51
N TYR A 47 8.79 -6.85 -0.27
CA TYR A 47 10.06 -7.51 -0.04
C TYR A 47 10.54 -7.22 1.36
N VAL A 48 10.47 -5.95 1.75
CA VAL A 48 11.05 -5.47 2.99
C VAL A 48 10.35 -6.06 4.23
N TYR A 49 9.13 -6.55 4.05
CA TYR A 49 8.37 -7.13 5.17
C TYR A 49 8.95 -8.47 5.56
N GLN A 50 9.75 -9.06 4.67
CA GLN A 50 10.42 -10.34 4.89
C GLN A 50 9.49 -11.46 5.35
N ASN A 51 8.28 -11.48 4.82
CA ASN A 51 7.30 -12.51 5.16
C ASN A 51 6.57 -13.02 3.92
N GLU A 52 7.05 -12.65 2.74
CA GLU A 52 6.42 -13.07 1.49
C GLU A 52 6.41 -14.59 1.27
N HIS A 53 7.39 -15.28 1.85
CA HIS A 53 7.45 -16.73 1.73
C HIS A 53 6.28 -17.39 2.45
N GLU A 54 5.87 -16.83 3.59
CA GLU A 54 4.73 -17.37 4.32
C GLU A 54 3.35 -16.92 3.77
N VAL A 55 3.28 -15.71 3.23
CA VAL A 55 2.12 -15.29 2.45
C VAL A 55 1.92 -16.23 1.26
N GLY A 56 3.02 -16.58 0.60
CA GLY A 56 3.02 -17.48 -0.54
C GLY A 56 2.49 -18.86 -0.18
N GLU A 57 2.91 -19.38 0.96
CA GLU A 57 2.40 -20.67 1.42
C GLU A 57 0.88 -20.65 1.57
N ALA A 58 0.37 -19.60 2.20
CA ALA A 58 -1.06 -19.46 2.43
C ALA A 58 -1.88 -19.36 1.13
N ILE A 59 -1.43 -18.50 0.21
CA ILE A 59 -2.08 -18.34 -1.08
C ILE A 59 -2.14 -19.69 -1.80
N GLN A 60 -1.02 -20.40 -1.80
CA GLN A 60 -0.91 -21.67 -2.50
C GLN A 60 -1.89 -22.71 -1.96
N GLU A 61 -1.98 -22.82 -0.64
CA GLU A 61 -2.95 -23.71 0.02
C GLU A 61 -4.36 -23.47 -0.49
N MLZ A 62 -4.77 -22.20 -0.49
CA MLZ A 62 -6.13 -21.82 -0.80
CB MLZ A 62 -6.36 -20.37 -0.43
CG MLZ A 62 -6.55 -20.22 1.08
CD MLZ A 62 -7.82 -20.90 1.54
CE MLZ A 62 -8.11 -20.65 3.01
NZ MLZ A 62 -9.14 -21.52 3.55
CM MLZ A 62 -8.92 -22.13 4.85
C MLZ A 62 -6.41 -22.03 -2.27
O MLZ A 62 -7.53 -22.33 -2.66
N ILE A 63 -5.39 -21.87 -3.10
CA ILE A 63 -5.53 -22.17 -4.52
C ILE A 63 -5.64 -23.69 -4.74
N GLN A 64 -4.79 -24.47 -4.08
CA GLN A 64 -4.84 -25.90 -4.28
C GLN A 64 -6.07 -26.56 -3.63
N GLU A 65 -6.66 -25.92 -2.63
CA GLU A 65 -7.90 -26.39 -2.01
C GLU A 65 -9.16 -25.91 -2.73
N MLY A 66 -8.97 -25.19 -3.84
CA MLY A 66 -10.09 -24.70 -4.68
CB MLY A 66 -10.91 -25.89 -5.20
CG MLY A 66 -10.05 -27.02 -5.78
CD MLY A 66 -10.86 -28.27 -6.09
CE MLY A 66 -11.85 -28.02 -7.24
NZ MLY A 66 -12.71 -29.22 -7.44
CH1 MLY A 66 -13.66 -29.20 -6.31
CH2 MLY A 66 -13.49 -29.03 -8.67
C MLY A 66 -10.96 -23.66 -3.97
O MLY A 66 -12.11 -23.43 -4.36
N ALA A 67 -10.41 -23.01 -2.95
CA ALA A 67 -11.09 -21.92 -2.26
C ALA A 67 -11.16 -20.70 -3.18
N VAL A 68 -10.11 -20.50 -3.96
CA VAL A 68 -10.01 -19.33 -4.81
C VAL A 68 -9.19 -19.74 -6.04
N LYS A 69 -9.36 -19.02 -7.14
CA LYS A 69 -8.55 -19.19 -8.35
C LYS A 69 -7.54 -18.05 -8.42
N ARG A 70 -6.40 -18.29 -9.07
CA ARG A 70 -5.36 -17.28 -9.17
C ARG A 70 -5.83 -15.99 -9.86
N GLU A 71 -6.58 -16.14 -10.96
CA GLU A 71 -7.05 -14.98 -11.72
C GLU A 71 -7.94 -14.05 -10.90
N ASP A 72 -8.48 -14.56 -9.81
CA ASP A 72 -9.38 -13.81 -8.95
C ASP A 72 -8.64 -13.18 -7.76
N LEU A 73 -7.42 -13.63 -7.52
CA LEU A 73 -6.54 -13.00 -6.55
C LEU A 73 -5.85 -11.78 -7.17
N PHE A 74 -5.58 -10.77 -6.35
CA PHE A 74 -4.92 -9.56 -6.81
C PHE A 74 -3.75 -9.32 -5.88
N ILE A 75 -2.56 -9.70 -6.33
CA ILE A 75 -1.37 -9.68 -5.49
C ILE A 75 -0.44 -8.53 -5.85
N VAL A 76 -0.11 -7.73 -4.86
CA VAL A 76 0.75 -6.57 -5.07
C VAL A 76 2.02 -6.73 -4.24
N SER A 77 3.17 -6.40 -4.81
CA SER A 77 4.40 -6.30 -4.02
C SER A 77 5.15 -5.02 -4.38
N LYS A 78 6.30 -4.81 -3.74
CA LYS A 78 7.01 -3.54 -3.83
C LYS A 78 8.51 -3.75 -3.93
N LEU A 79 9.13 -2.91 -4.75
CA LEU A 79 10.59 -2.88 -4.89
C LEU A 79 11.18 -1.93 -3.87
N TRP A 80 12.04 -2.44 -2.99
CA TRP A 80 12.70 -1.63 -1.98
C TRP A 80 13.81 -0.78 -2.62
N PRO A 81 14.00 0.46 -2.14
CA PRO A 81 14.94 1.38 -2.83
C PRO A 81 16.43 1.13 -2.65
N THR A 82 16.83 -0.04 -2.14
CA THR A 82 18.22 -0.47 -2.22
C THR A 82 18.41 -1.30 -3.49
N PHE A 83 17.34 -1.42 -4.27
CA PHE A 83 17.38 -2.25 -5.46
C PHE A 83 17.04 -1.49 -6.75
N PHE A 84 17.46 -0.24 -6.88
CA PHE A 84 17.10 0.57 -8.05
C PHE A 84 18.03 0.34 -9.23
N GLU A 85 19.25 -0.11 -8.95
CA GLU A 85 20.17 -0.47 -10.01
C GLU A 85 19.60 -1.63 -10.81
N ARG A 86 19.64 -1.51 -12.14
CA ARG A 86 18.95 -2.44 -13.06
C ARG A 86 19.03 -3.95 -12.76
N PRO A 87 20.25 -4.50 -12.57
CA PRO A 87 20.37 -5.94 -12.29
C PRO A 87 19.66 -6.32 -10.98
N LEU A 88 19.75 -5.44 -9.98
CA LEU A 88 19.14 -5.66 -8.66
C LEU A 88 17.62 -5.66 -8.67
N VAL A 89 17.02 -4.88 -9.57
CA VAL A 89 15.57 -4.86 -9.72
C VAL A 89 15.07 -6.26 -10.08
N ARG A 90 15.80 -6.91 -10.99
CA ARG A 90 15.42 -8.24 -11.43
C ARG A 90 15.61 -9.27 -10.31
N LYS A 91 16.77 -9.26 -9.66
CA LYS A 91 17.06 -10.19 -8.57
C LYS A 91 16.07 -10.05 -7.41
N ALA A 92 15.80 -8.82 -6.99
CA ALA A 92 14.83 -8.56 -5.93
C ALA A 92 13.44 -9.06 -6.31
N PHE A 93 13.01 -8.75 -7.54
CA PHE A 93 11.72 -9.20 -8.04
C PHE A 93 11.60 -10.72 -8.01
N GLU A 94 12.63 -11.39 -8.53
CA GLU A 94 12.65 -12.85 -8.60
C GLU A 94 12.54 -13.47 -7.21
N MLY A 95 13.19 -12.85 -6.23
CA MLY A 95 13.09 -13.28 -4.84
CB MLY A 95 14.09 -12.51 -3.96
CG MLY A 95 13.87 -12.63 -2.44
CD MLY A 95 14.43 -13.89 -1.86
CE MLY A 95 14.25 -13.95 -0.35
NZ MLY A 95 13.74 -15.30 0.06
CH1 MLY A 95 14.78 -16.28 -0.26
CH2 MLY A 95 13.59 -15.34 1.52
C MLY A 95 11.66 -13.12 -4.32
O MLY A 95 11.08 -14.03 -3.74
N THR A 96 11.09 -11.94 -4.57
CA THR A 96 9.69 -11.67 -4.24
C THR A 96 8.75 -12.68 -4.90
N LEU A 97 8.90 -12.88 -6.21
CA LEU A 97 8.05 -13.81 -6.96
C LEU A 97 8.22 -15.26 -6.50
N MLZ A 98 9.45 -15.66 -6.19
CA MLZ A 98 9.73 -17.01 -5.74
CB MLZ A 98 11.23 -17.30 -5.68
CG MLZ A 98 11.42 -18.75 -5.26
CD MLZ A 98 12.48 -19.46 -6.10
CE MLZ A 98 12.46 -20.97 -5.83
NZ MLZ A 98 13.73 -21.62 -6.08
CM MLZ A 98 14.92 -20.85 -6.40
C MLZ A 98 9.16 -17.24 -4.35
O MLZ A 98 8.55 -18.26 -4.10
N ASP A 99 9.36 -16.27 -3.46
CA ASP A 99 8.77 -16.34 -2.12
C ASP A 99 7.25 -16.49 -2.18
N LEU A 100 6.60 -15.76 -3.08
CA LEU A 100 5.13 -15.76 -3.11
C LEU A 100 4.57 -16.98 -3.82
N LYS A 101 5.48 -17.70 -4.49
CA LYS A 101 5.18 -18.93 -5.22
C LYS A 101 4.21 -18.67 -6.36
N LEU A 102 4.37 -17.51 -6.99
CA LEU A 102 3.46 -17.08 -8.05
C LEU A 102 4.17 -17.02 -9.39
N SER A 103 3.39 -17.03 -10.46
CA SER A 103 3.97 -16.94 -11.80
C SER A 103 3.98 -15.50 -12.30
N TYR A 104 3.15 -14.66 -11.67
CA TYR A 104 3.12 -13.22 -11.95
C TYR A 104 2.58 -12.46 -10.74
N LEU A 105 2.88 -11.15 -10.71
CA LEU A 105 2.25 -10.20 -9.80
C LEU A 105 1.21 -9.38 -10.54
N ASP A 106 0.11 -9.04 -9.86
CA ASP A 106 -0.86 -8.13 -10.44
C ASP A 106 -0.34 -6.69 -10.55
N VAL A 107 0.24 -6.17 -9.47
CA VAL A 107 0.90 -4.86 -9.50
C VAL A 107 2.25 -4.94 -8.78
N TYR A 108 3.25 -4.23 -9.32
CA TYR A 108 4.55 -4.11 -8.68
C TYR A 108 4.87 -2.62 -8.50
N LEU A 109 5.11 -2.22 -7.25
CA LEU A 109 5.27 -0.81 -6.90
C LEU A 109 6.71 -0.45 -6.62
N ILE A 110 7.06 0.80 -6.89
CA ILE A 110 8.26 1.38 -6.32
C ILE A 110 7.86 1.79 -4.90
N HIS A 111 8.55 1.24 -3.90
CA HIS A 111 8.14 1.39 -2.51
C HIS A 111 8.34 2.82 -1.99
N TRP A 112 9.43 3.43 -2.44
CA TRP A 112 9.82 4.79 -2.04
CA TRP A 112 9.82 4.78 -2.03
C TRP A 112 10.57 5.41 -3.21
N PRO A 113 10.35 6.72 -3.46
CA PRO A 113 10.99 7.36 -4.63
C PRO A 113 12.49 7.64 -4.49
N GLN A 114 12.99 7.80 -3.26
CA GLN A 114 14.41 8.09 -3.08
CA GLN A 114 14.42 8.08 -3.04
C GLN A 114 15.25 6.81 -3.06
N GLY A 115 16.32 6.79 -3.84
CA GLY A 115 17.18 5.62 -3.89
C GLY A 115 18.08 5.53 -2.67
N PHE A 116 18.25 4.32 -2.12
CA PHE A 116 19.17 4.13 -1.00
C PHE A 116 20.42 3.42 -1.51
N LYS A 117 21.47 3.36 -0.70
CA LYS A 117 22.67 2.66 -1.12
C LYS A 117 22.32 1.25 -1.57
N SER A 118 22.73 0.92 -2.80
CA SER A 118 22.36 -0.35 -3.39
C SER A 118 22.93 -1.57 -2.66
N GLY A 119 22.10 -2.60 -2.54
CA GLY A 119 22.56 -3.85 -1.97
C GLY A 119 21.56 -4.50 -1.05
N ASP A 120 22.04 -5.47 -0.28
CA ASP A 120 21.16 -6.24 0.60
C ASP A 120 21.18 -5.79 2.06
N ASP A 121 21.83 -4.65 2.33
CA ASP A 121 21.53 -3.92 3.55
C ASP A 121 20.30 -3.06 3.23
N LEU A 122 19.16 -3.41 3.83
CA LEU A 122 17.90 -2.77 3.48
C LEU A 122 17.80 -1.37 4.09
N PHE A 123 18.53 -1.16 5.18
CA PHE A 123 18.49 0.13 5.87
C PHE A 123 19.88 0.69 6.10
N PRO A 124 20.58 1.06 5.02
CA PRO A 124 21.90 1.67 5.19
C PRO A 124 21.75 3.04 5.86
N ARG A 125 22.39 3.24 7.01
CA ARG A 125 22.26 4.48 7.77
C ARG A 125 23.61 4.96 8.28
N ASP A 126 23.72 6.26 8.54
CA ASP A 126 24.93 6.75 9.19
C ASP A 126 24.88 6.51 10.71
N ASP A 127 25.86 7.03 11.44
CA ASP A 127 25.93 6.84 12.90
C ASP A 127 24.70 7.39 13.63
N LYS A 128 24.08 8.39 13.03
CA LYS A 128 22.97 9.09 13.65
C LYS A 128 21.62 8.57 13.16
N GLY A 129 21.65 7.57 12.29
CA GLY A 129 20.44 6.93 11.82
C GLY A 129 19.91 7.42 10.50
N ASN A 130 20.55 8.44 9.93
CA ASN A 130 20.12 8.96 8.63
C ASN A 130 20.38 8.01 7.45
N ALA A 131 19.41 7.91 6.54
CA ALA A 131 19.51 7.04 5.38
C ALA A 131 20.71 7.42 4.51
N ILE A 132 21.41 6.42 3.98
CA ILE A 132 22.46 6.66 3.02
C ILE A 132 21.92 6.45 1.60
N GLY A 133 22.01 7.50 0.78
CA GLY A 133 21.53 7.46 -0.59
C GLY A 133 22.35 6.60 -1.54
N GLY A 134 21.74 6.20 -2.66
CA GLY A 134 22.42 5.55 -3.75
C GLY A 134 22.21 6.39 -4.99
N LYS A 135 23.03 6.21 -6.02
CA LYS A 135 22.90 7.06 -7.21
C LYS A 135 21.82 6.62 -8.21
N ALA A 136 21.40 5.36 -8.16
CA ALA A 136 20.30 4.91 -9.01
C ALA A 136 19.01 5.58 -8.57
N THR A 137 18.19 5.98 -9.54
CA THR A 137 16.96 6.74 -9.25
C THR A 137 15.71 5.90 -9.49
N PHE A 138 14.55 6.45 -9.15
CA PHE A 138 13.32 5.71 -9.37
C PHE A 138 13.01 5.52 -10.86
N LEU A 139 13.52 6.42 -11.70
CA LEU A 139 13.38 6.26 -13.14
C LEU A 139 14.26 5.12 -13.65
N ASP A 140 15.42 4.93 -13.04
CA ASP A 140 16.26 3.77 -13.36
C ASP A 140 15.51 2.49 -13.03
N ALA A 141 14.93 2.44 -11.84
CA ALA A 141 14.17 1.29 -11.40
C ALA A 141 13.00 1.03 -12.34
N TRP A 142 12.32 2.10 -12.72
CA TRP A 142 11.11 2.00 -13.54
C TRP A 142 11.41 1.31 -14.87
N GLU A 143 12.53 1.70 -15.46
CA GLU A 143 13.01 1.13 -16.72
C GLU A 143 13.13 -0.38 -16.59
N ALA A 144 13.78 -0.82 -15.52
CA ALA A 144 13.93 -2.23 -15.24
C ALA A 144 12.60 -2.95 -14.99
N MET A 145 11.69 -2.33 -14.25
CA MET A 145 10.38 -2.93 -13.98
C MET A 145 9.52 -3.05 -15.24
N GLU A 146 9.70 -2.14 -16.19
CA GLU A 146 8.93 -2.18 -17.44
C GLU A 146 9.21 -3.43 -18.26
N GLU A 147 10.41 -3.99 -18.08
CA GLU A 147 10.78 -5.28 -18.66
C GLU A 147 9.87 -6.39 -18.15
N LEU A 148 9.61 -6.36 -16.85
CA LEU A 148 8.81 -7.39 -16.20
C LEU A 148 7.41 -7.41 -16.79
N VAL A 149 6.91 -6.24 -17.15
CA VAL A 149 5.60 -6.13 -17.80
C VAL A 149 5.68 -6.67 -19.22
N ASP A 150 6.74 -6.31 -19.94
CA ASP A 150 6.97 -6.80 -21.30
C ASP A 150 6.91 -8.32 -21.29
N GLU A 151 7.52 -8.92 -20.27
CA GLU A 151 7.63 -10.37 -20.15
C GLU A 151 6.40 -11.01 -19.51
N GLY A 152 5.48 -10.19 -19.02
CA GLY A 152 4.25 -10.70 -18.45
C GLY A 152 4.40 -11.20 -17.03
N LEU A 153 5.53 -10.87 -16.41
CA LEU A 153 5.76 -11.29 -15.02
C LEU A 153 4.98 -10.39 -14.08
N VAL A 154 4.60 -9.21 -14.59
CA VAL A 154 3.86 -8.20 -13.84
C VAL A 154 2.83 -7.58 -14.76
N MLZ A 155 1.57 -7.55 -14.33
CA MLZ A 155 0.48 -7.06 -15.16
CB MLZ A 155 -0.89 -7.54 -14.69
CG MLZ A 155 -1.05 -9.06 -14.67
CD MLZ A 155 -0.86 -9.63 -16.07
CE MLZ A 155 -0.92 -11.14 -16.10
NZ MLZ A 155 -0.56 -11.65 -17.40
CM MLZ A 155 0.76 -12.24 -17.61
C MLZ A 155 0.47 -5.56 -15.21
O MLZ A 155 0.11 -5.02 -16.23
N ALA A 156 0.82 -4.90 -14.11
CA ALA A 156 0.86 -3.43 -14.08
C ALA A 156 1.87 -2.90 -13.06
N LEU A 157 2.36 -1.69 -13.31
CA LEU A 157 3.29 -1.03 -12.40
C LEU A 157 2.59 0.06 -11.61
N GLY A 158 3.20 0.45 -10.48
CA GLY A 158 2.64 1.52 -9.69
C GLY A 158 3.70 2.15 -8.83
N VAL A 159 3.30 3.16 -8.06
CA VAL A 159 4.24 3.83 -7.19
C VAL A 159 3.69 3.94 -5.78
N SER A 160 4.57 4.25 -4.84
CA SER A 160 4.16 4.40 -3.46
C SER A 160 4.96 5.52 -2.82
N ASN A 161 4.28 6.31 -2.00
CA ASN A 161 4.89 7.48 -1.35
C ASN A 161 5.44 8.51 -2.32
N PHE A 162 4.77 8.68 -3.46
CA PHE A 162 5.17 9.70 -4.43
C PHE A 162 4.34 10.97 -4.24
N SER A 163 4.99 12.12 -4.31
CA SER A 163 4.28 13.38 -4.40
C SER A 163 3.86 13.59 -5.85
N HIS A 164 3.06 14.62 -6.11
CA HIS A 164 2.61 14.88 -7.47
C HIS A 164 3.75 15.38 -8.34
N PHE A 165 4.81 15.87 -7.72
CA PHE A 165 5.99 16.30 -8.46
C PHE A 165 6.73 15.11 -9.04
N GLN A 166 6.82 14.04 -8.27
CA GLN A 166 7.53 12.86 -8.70
C GLN A 166 6.74 12.05 -9.70
N ILE A 167 5.41 12.12 -9.59
CA ILE A 167 4.53 11.43 -10.54
C ILE A 167 4.61 12.16 -11.87
N GLU A 168 4.64 13.49 -11.81
CA GLU A 168 4.87 14.30 -13.01
C GLU A 168 6.20 13.96 -13.69
N LYS A 169 7.27 13.80 -12.89
CA LYS A 169 8.60 13.42 -13.39
C LYS A 169 8.51 12.08 -14.13
N LEU A 170 7.71 11.17 -13.59
CA LEU A 170 7.54 9.84 -14.16
C LEU A 170 6.71 9.91 -15.44
N LEU A 171 5.56 10.57 -15.35
CA LEU A 171 4.65 10.69 -16.48
C LEU A 171 5.26 11.47 -17.65
N ASN A 172 6.12 12.44 -17.33
CA ASN A 172 6.71 13.28 -18.36
C ASN A 172 8.08 12.78 -18.83
N LYS A 173 8.46 11.57 -18.42
CA LYS A 173 9.72 10.99 -18.88
C LYS A 173 9.60 10.62 -20.37
N PRO A 174 10.47 11.19 -21.21
CA PRO A 174 10.51 10.84 -22.64
C PRO A 174 10.79 9.35 -22.83
N GLY A 175 9.91 8.65 -23.53
CA GLY A 175 10.10 7.25 -23.79
C GLY A 175 9.52 6.29 -22.75
N LEU A 176 8.53 6.75 -21.99
CA LEU A 176 7.87 5.90 -21.00
C LEU A 176 7.04 4.81 -21.68
N MLZ A 177 7.14 3.57 -21.20
CA MLZ A 177 6.42 2.44 -21.79
CB MLZ A 177 7.29 1.18 -21.72
CG MLZ A 177 7.17 0.27 -22.94
CD MLZ A 177 8.02 -0.99 -22.81
CE MLZ A 177 9.53 -0.77 -22.57
NZ MLZ A 177 10.33 -1.88 -23.06
CM MLZ A 177 11.61 -2.17 -22.46
C MLZ A 177 5.12 2.18 -21.07
O MLZ A 177 4.08 1.97 -21.69
N TYR A 178 5.18 2.21 -19.74
CA TYR A 178 4.01 1.95 -18.90
C TYR A 178 3.76 3.10 -17.90
N LYS A 179 2.49 3.35 -17.62
CA LYS A 179 2.11 4.38 -16.66
C LYS A 179 1.76 3.71 -15.31
N PRO A 180 2.01 4.42 -14.19
CA PRO A 180 1.60 3.87 -12.89
C PRO A 180 0.08 3.73 -12.78
N VAL A 181 -0.39 2.58 -12.32
CA VAL A 181 -1.83 2.37 -12.16
C VAL A 181 -2.34 2.82 -10.80
N THR A 182 -1.42 2.98 -9.84
CA THR A 182 -1.79 3.40 -8.49
C THR A 182 -0.63 4.11 -7.82
N ASN A 183 -0.96 5.01 -6.90
CA ASN A 183 -0.01 5.59 -5.94
C ASN A 183 -0.45 5.20 -4.54
N GLN A 184 0.34 4.34 -3.90
CA GLN A 184 0.00 3.89 -2.55
C GLN A 184 0.62 4.82 -1.52
N VAL A 185 -0.23 5.49 -0.76
CA VAL A 185 0.21 6.49 0.21
C VAL A 185 -0.59 6.38 1.51
N GLU A 186 -0.07 6.97 2.57
CA GLU A 186 -0.80 7.04 3.83
C GLU A 186 -2.05 7.90 3.64
N CYS A 187 -3.19 7.42 4.12
CA CYS A 187 -4.40 8.19 4.00
C CYS A 187 -5.42 7.75 5.04
N HIS A 188 -6.03 8.74 5.70
CA HIS A 188 -6.95 8.53 6.82
C HIS A 188 -7.47 9.94 7.18
N PRO A 189 -8.42 10.04 8.13
CA PRO A 189 -9.01 11.36 8.43
C PRO A 189 -8.06 12.47 8.93
N TYR A 190 -6.89 12.15 9.46
CA TYR A 190 -5.94 13.17 9.87
C TYR A 190 -5.02 13.59 8.72
N LEU A 191 -5.06 12.83 7.63
CA LEU A 191 -4.21 13.08 6.47
C LEU A 191 -5.05 12.71 5.26
N THR A 192 -5.91 13.62 4.84
CA THR A 192 -6.98 13.27 3.91
C THR A 192 -6.53 13.30 2.45
N GLN A 193 -5.34 13.83 2.21
CA GLN A 193 -4.71 13.79 0.88
C GLN A 193 -5.61 14.34 -0.22
N GLU A 194 -6.37 15.38 0.07
CA GLU A 194 -7.32 15.87 -0.90
C GLU A 194 -6.65 16.32 -2.23
N LYS A 195 -5.55 17.06 -2.13
CA LYS A 195 -4.88 17.52 -3.34
C LYS A 195 -4.25 16.40 -4.15
N LEU A 196 -3.63 15.44 -3.46
CA LEU A 196 -2.93 14.36 -4.13
C LEU A 196 -3.88 13.37 -4.81
N ILE A 197 -4.99 13.07 -4.14
CA ILE A 197 -6.06 12.25 -4.71
C ILE A 197 -6.67 12.91 -5.97
N GLN A 198 -6.98 14.19 -5.88
CA GLN A 198 -7.48 14.95 -7.03
C GLN A 198 -6.50 14.91 -8.21
N TYR A 199 -5.21 15.13 -7.94
CA TYR A 199 -4.20 15.04 -8.97
C TYR A 199 -4.13 13.63 -9.63
N CYS A 200 -4.04 12.60 -8.80
CA CYS A 200 -3.88 11.23 -9.29
C CYS A 200 -5.06 10.80 -10.17
N HIS A 201 -6.26 11.04 -9.69
CA HIS A 201 -7.46 10.71 -10.45
C HIS A 201 -7.52 11.41 -11.80
N SER A 202 -7.02 12.65 -11.84
CA SER A 202 -7.02 13.42 -13.09
C SER A 202 -5.99 12.89 -14.10
N MLY A 203 -5.09 12.04 -13.65
CA MLY A 203 -4.06 11.45 -14.51
CB MLY A 203 -2.66 11.59 -13.89
CG MLY A 203 -2.17 13.02 -13.66
CD MLY A 203 -2.30 13.91 -14.89
CE MLY A 203 -1.85 15.34 -14.59
NZ MLY A 203 -2.09 16.37 -15.68
CH1 MLY A 203 -1.07 16.16 -16.74
CH2 MLY A 203 -3.40 16.11 -16.29
C MLY A 203 -4.37 9.99 -14.71
O MLY A 203 -3.53 9.24 -15.22
N GLY A 204 -5.55 9.57 -14.30
CA GLY A 204 -5.96 8.18 -14.43
C GLY A 204 -5.22 7.22 -13.52
N ILE A 205 -4.72 7.74 -12.41
CA ILE A 205 -4.01 6.95 -11.42
C ILE A 205 -4.87 6.79 -10.16
N THR A 206 -5.16 5.56 -9.75
CA THR A 206 -5.92 5.33 -8.54
C THR A 206 -5.05 5.60 -7.32
N VAL A 207 -5.66 5.66 -6.15
CA VAL A 207 -4.91 5.82 -4.91
C VAL A 207 -5.21 4.64 -4.01
N THR A 208 -4.16 4.09 -3.41
CA THR A 208 -4.29 3.07 -2.37
C THR A 208 -3.90 3.66 -1.00
N ALA A 209 -4.84 3.61 -0.07
CA ALA A 209 -4.67 4.20 1.25
C ALA A 209 -4.01 3.20 2.17
N TYR A 210 -2.78 3.49 2.62
CA TYR A 210 -2.17 2.66 3.65
C TYR A 210 -2.33 3.26 5.04
N SER A 211 -2.01 2.48 6.08
CA SER A 211 -2.27 2.85 7.46
C SER A 211 -3.64 3.53 7.69
N PRO A 212 -4.73 2.92 7.19
CA PRO A 212 -6.04 3.59 7.31
C PRO A 212 -6.51 3.70 8.76
N LEU A 213 -5.99 2.85 9.64
CA LEU A 213 -6.41 2.89 11.04
C LEU A 213 -5.44 3.70 11.91
N GLY A 214 -4.46 4.33 11.28
CA GLY A 214 -3.48 5.10 12.03
C GLY A 214 -2.27 4.27 12.45
N SER A 215 -2.23 3.03 11.96
CA SER A 215 -1.13 2.10 12.23
C SER A 215 -0.74 2.11 13.72
N PRO A 216 -1.71 1.80 14.61
CA PRO A 216 -1.58 2.00 16.07
C PRO A 216 -0.51 1.18 16.79
N ASP A 217 0.18 0.31 16.05
CA ASP A 217 1.12 -0.64 16.64
C ASP A 217 2.56 -0.26 16.24
N ARG A 218 2.68 0.67 15.29
CA ARG A 218 3.96 1.08 14.70
C ARG A 218 5.01 1.37 15.76
N PRO A 219 6.27 0.96 15.51
CA PRO A 219 7.32 1.07 16.53
C PRO A 219 7.59 2.52 16.96
N TRP A 220 7.76 3.40 15.98
CA TRP A 220 8.11 4.81 16.20
C TRP A 220 6.95 5.65 16.76
N ALA A 221 5.97 4.99 17.36
CA ALA A 221 4.81 5.67 17.92
C ALA A 221 5.08 6.22 19.32
N LYS A 222 5.03 7.55 19.43
CA LYS A 222 5.19 8.21 20.72
C LYS A 222 3.81 8.31 21.40
N PRO A 223 3.79 8.47 22.73
CA PRO A 223 2.52 8.44 23.49
C PRO A 223 1.55 9.57 23.11
N GLU A 224 2.08 10.69 22.63
CA GLU A 224 1.27 11.88 22.34
C GLU A 224 0.64 11.86 20.96
N ASP A 225 1.01 10.88 20.15
CA ASP A 225 0.43 10.70 18.83
C ASP A 225 -1.10 10.55 18.88
N PRO A 226 -1.81 11.18 17.93
CA PRO A 226 -3.27 11.08 17.85
C PRO A 226 -3.72 9.64 17.60
N SER A 227 -4.85 9.26 18.18
N SER A 227 -4.87 9.27 18.14
CA SER A 227 -5.41 7.92 17.97
CA SER A 227 -5.41 7.92 17.98
C SER A 227 -6.76 7.98 17.26
C SER A 227 -6.76 7.93 17.28
N LEU A 228 -6.80 7.52 16.02
CA LEU A 228 -8.05 7.51 15.25
C LEU A 228 -9.11 6.59 15.81
N LEU A 229 -8.72 5.38 16.21
CA LEU A 229 -9.68 4.41 16.74
C LEU A 229 -10.33 4.90 18.03
N GLU A 230 -9.59 5.69 18.80
CA GLU A 230 -10.11 6.16 20.07
C GLU A 230 -10.73 7.55 19.91
N ASP A 231 -10.66 8.10 18.70
CA ASP A 231 -11.17 9.45 18.44
C ASP A 231 -12.68 9.48 18.66
N PRO A 232 -13.14 10.30 19.62
CA PRO A 232 -14.55 10.41 20.00
C PRO A 232 -15.44 10.79 18.82
N MLZ A 233 -14.90 11.61 17.93
CA MLZ A 233 -15.65 12.08 16.78
CB MLZ A 233 -14.98 13.30 16.17
CG MLZ A 233 -14.72 14.36 17.23
CD MLZ A 233 -14.71 15.74 16.57
CE MLZ A 233 -16.06 16.01 15.92
NZ MLZ A 233 -16.41 17.41 15.89
CM MLZ A 233 -15.54 18.39 16.55
C MLZ A 233 -15.77 10.98 15.74
O MLZ A 233 -16.77 10.90 15.03
N ILE A 234 -14.73 10.15 15.63
CA ILE A 234 -14.81 8.97 14.77
C ILE A 234 -15.78 7.95 15.37
N LYS A 235 -15.63 7.69 16.66
CA LYS A 235 -16.50 6.77 17.39
C LYS A 235 -17.97 7.18 17.32
N GLU A 236 -18.22 8.48 17.27
CA GLU A 236 -19.57 8.99 17.21
C GLU A 236 -20.28 8.53 15.93
N ILE A 237 -19.55 8.60 14.82
CA ILE A 237 -20.11 8.25 13.51
C ILE A 237 -20.32 6.73 13.42
N ALA A 238 -19.37 5.99 13.99
CA ALA A 238 -19.49 4.54 14.12
C ALA A 238 -20.75 4.14 14.90
N ALA A 239 -20.95 4.75 16.07
CA ALA A 239 -22.13 4.50 16.90
C ALA A 239 -23.41 4.71 16.10
N LYS A 240 -23.45 5.77 15.30
CA LYS A 240 -24.63 6.11 14.50
C LYS A 240 -25.08 4.95 13.62
N HIS A 241 -24.12 4.15 13.16
CA HIS A 241 -24.41 3.03 12.25
C HIS A 241 -24.35 1.67 12.93
N MLY A 242 -24.13 1.66 14.24
CA MLY A 242 -23.89 0.44 15.00
CB MLY A 242 -25.17 -0.40 15.14
CG MLY A 242 -26.33 0.39 15.71
CD MLY A 242 -27.48 -0.48 16.16
CE MLY A 242 -28.63 0.40 16.60
NZ MLY A 242 -29.24 0.02 17.90
CH1 MLY A 242 -30.09 1.14 18.31
CH2 MLY A 242 -28.17 -0.11 18.88
C MLY A 242 -22.75 -0.37 14.40
O MLY A 242 -22.84 -1.59 14.25
N MLZ A 243 -21.68 0.34 14.05
CA MLZ A 243 -20.49 -0.24 13.43
CB MLZ A 243 -20.32 0.33 12.01
CG MLZ A 243 -21.42 -0.18 11.07
CD MLZ A 243 -21.05 -1.58 10.58
CE MLZ A 243 -22.20 -2.28 9.86
NZ MLZ A 243 -21.68 -3.28 8.95
CM MLZ A 243 -21.08 -4.50 9.47
C MLZ A 243 -19.30 0.13 14.28
O MLZ A 243 -19.43 0.89 15.24
N THR A 244 -18.13 -0.40 13.94
CA THR A 244 -16.90 -0.04 14.66
C THR A 244 -16.22 1.19 14.05
N ALA A 245 -15.33 1.80 14.83
CA ALA A 245 -14.52 2.91 14.33
C ALA A 245 -13.70 2.46 13.12
N ALA A 246 -13.13 1.26 13.20
CA ALA A 246 -12.33 0.71 12.10
C ALA A 246 -13.17 0.56 10.81
N GLN A 247 -14.39 0.07 10.95
CA GLN A 247 -15.28 -0.05 9.80
C GLN A 247 -15.58 1.29 9.15
N VAL A 248 -15.75 2.33 9.97
CA VAL A 248 -15.94 3.69 9.47
C VAL A 248 -14.70 4.23 8.73
N LEU A 249 -13.53 4.02 9.34
CA LEU A 249 -12.24 4.44 8.78
C LEU A 249 -11.95 3.81 7.42
N ILE A 250 -12.38 2.56 7.26
CA ILE A 250 -12.21 1.84 6.01
C ILE A 250 -13.25 2.29 4.96
N ARG A 251 -14.50 2.40 5.40
CA ARG A 251 -15.60 2.81 4.53
C ARG A 251 -15.37 4.23 3.98
N PHE A 252 -14.72 5.07 4.78
CA PHE A 252 -14.31 6.42 4.36
C PHE A 252 -13.56 6.41 3.02
N HIS A 253 -12.65 5.47 2.82
CA HIS A 253 -11.90 5.43 1.56
C HIS A 253 -12.73 4.90 0.40
N ILE A 254 -13.48 3.82 0.67
CA ILE A 254 -14.37 3.23 -0.32
C ILE A 254 -15.26 4.29 -0.97
N GLN A 255 -15.75 5.22 -0.15
CA GLN A 255 -16.66 6.24 -0.66
C GLN A 255 -15.98 7.37 -1.44
N ARG A 256 -14.65 7.39 -1.44
CA ARG A 256 -13.91 8.36 -2.24
C ARG A 256 -13.33 7.63 -3.44
N ASN A 257 -13.78 6.39 -3.63
CA ASN A 257 -13.23 5.50 -4.65
C ASN A 257 -11.73 5.29 -4.50
N VAL A 258 -11.28 5.21 -3.26
CA VAL A 258 -9.88 4.98 -2.95
C VAL A 258 -9.74 3.57 -2.35
N ILE A 259 -8.85 2.78 -2.93
CA ILE A 259 -8.52 1.45 -2.43
C ILE A 259 -7.87 1.58 -1.05
N VAL A 260 -8.15 0.63 -0.17
CA VAL A 260 -7.68 0.67 1.21
C VAL A 260 -7.21 -0.71 1.70
N ILE A 261 -6.09 -0.72 2.41
CA ILE A 261 -5.45 -2.00 2.76
C ILE A 261 -5.17 -2.19 4.26
N PRO A 262 -6.23 -2.29 5.07
CA PRO A 262 -6.02 -2.48 6.51
C PRO A 262 -5.30 -3.79 6.83
N MLY A 263 -4.32 -3.69 7.73
CA MLY A 263 -3.55 -4.85 8.18
CB MLY A 263 -2.07 -4.50 8.40
CG MLY A 263 -1.20 -5.63 9.01
CD MLY A 263 -0.94 -5.44 10.51
CE MLY A 263 -0.28 -6.68 11.13
NZ MLY A 263 -0.28 -6.60 12.64
CH1 MLY A 263 0.38 -7.78 13.20
CH2 MLY A 263 0.52 -5.43 13.06
C MLY A 263 -4.10 -5.44 9.47
O MLY A 263 -4.34 -4.72 10.45
N SER A 264 -4.27 -6.76 9.50
CA SER A 264 -4.49 -7.45 10.74
C SER A 264 -4.05 -8.89 10.64
N VAL A 265 -3.72 -9.49 11.78
CA VAL A 265 -3.52 -10.94 11.85
C VAL A 265 -4.53 -11.60 12.79
N THR A 266 -5.50 -10.79 13.24
CA THR A 266 -6.52 -11.26 14.17
C THR A 266 -7.75 -11.63 13.37
N PRO A 267 -8.12 -12.92 13.36
CA PRO A 267 -9.26 -13.36 12.54
C PRO A 267 -10.50 -12.48 12.70
N ALA A 268 -10.93 -12.19 13.93
CA ALA A 268 -12.12 -11.37 14.14
C ALA A 268 -12.03 -10.01 13.44
N ARG A 269 -10.86 -9.38 13.53
CA ARG A 269 -10.66 -8.06 12.94
C ARG A 269 -10.52 -8.16 11.43
N ILE A 270 -9.88 -9.22 10.94
CA ILE A 270 -9.80 -9.44 9.49
C ILE A 270 -11.22 -9.48 8.90
N VAL A 271 -12.11 -10.22 9.54
CA VAL A 271 -13.50 -10.29 9.09
C VAL A 271 -14.22 -8.95 9.24
N GLU A 272 -14.09 -8.33 10.42
CA GLU A 272 -14.65 -7.02 10.69
C GLU A 272 -14.28 -5.99 9.63
N ASN A 273 -13.01 -5.97 9.26
CA ASN A 273 -12.51 -4.98 8.32
C ASN A 273 -13.09 -5.06 6.89
N ILE A 274 -13.75 -6.16 6.53
CA ILE A 274 -14.36 -6.28 5.20
C ILE A 274 -15.90 -6.29 5.22
N GLN A 275 -16.47 -6.22 6.43
CA GLN A 275 -17.91 -5.94 6.61
C GLN A 275 -18.22 -4.45 6.44
N VAL A 276 -17.91 -3.91 5.27
CA VAL A 276 -17.98 -2.48 5.02
C VAL A 276 -18.83 -2.17 3.79
N PHE A 277 -19.65 -3.14 3.38
CA PHE A 277 -20.49 -2.98 2.20
C PHE A 277 -21.98 -3.07 2.51
N ASP A 278 -22.34 -3.07 3.79
CA ASP A 278 -23.74 -3.08 4.21
C ASP A 278 -24.19 -1.78 4.91
N PHE A 279 -23.38 -0.75 4.83
CA PHE A 279 -23.77 0.56 5.33
C PHE A 279 -23.14 1.68 4.49
N LYS A 280 -23.59 2.90 4.71
CA LYS A 280 -23.18 4.03 3.90
C LYS A 280 -23.05 5.26 4.77
N LEU A 281 -21.85 5.86 4.76
CA LEU A 281 -21.61 7.16 5.41
C LEU A 281 -22.31 8.28 4.64
N SER A 282 -23.09 9.11 5.35
CA SER A 282 -23.86 10.15 4.68
C SER A 282 -22.92 11.25 4.19
N ASP A 283 -23.44 12.13 3.32
CA ASP A 283 -22.63 13.22 2.77
C ASP A 283 -22.11 14.11 3.90
N GLU A 284 -22.94 14.31 4.91
CA GLU A 284 -22.56 15.14 6.03
C GLU A 284 -21.46 14.48 6.85
N GLU A 285 -21.62 13.17 7.08
CA GLU A 285 -20.60 12.40 7.81
C GLU A 285 -19.26 12.42 7.09
N MET A 286 -19.30 12.27 5.77
CA MET A 286 -18.08 12.29 4.97
C MET A 286 -17.42 13.65 5.09
N ALA A 287 -18.24 14.71 5.02
CA ALA A 287 -17.76 16.08 5.15
C ALA A 287 -17.12 16.29 6.51
N THR A 288 -17.77 15.76 7.54
CA THR A 288 -17.28 15.88 8.91
C THR A 288 -15.91 15.24 9.05
N ILE A 289 -15.79 14.01 8.54
CA ILE A 289 -14.54 13.26 8.62
C ILE A 289 -13.39 13.98 7.89
N LEU A 290 -13.68 14.50 6.70
CA LEU A 290 -12.69 15.23 5.91
C LEU A 290 -12.12 16.41 6.67
N SER A 291 -12.98 17.05 7.47
CA SER A 291 -12.59 18.22 8.27
C SER A 291 -11.56 17.89 9.34
N PHE A 292 -11.36 16.61 9.60
CA PHE A 292 -10.44 16.18 10.64
C PHE A 292 -9.01 16.29 10.19
N ASN A 293 -8.80 16.67 8.92
CA ASN A 293 -7.47 16.71 8.31
C ASN A 293 -6.46 17.56 9.08
N ARG A 294 -5.35 16.94 9.48
CA ARG A 294 -4.33 17.61 10.26
C ARG A 294 -2.99 17.62 9.52
N ASN A 295 -2.96 16.98 8.35
CA ASN A 295 -1.69 16.72 7.65
C ASN A 295 -0.69 15.97 8.53
N TRP A 296 -1.21 15.03 9.32
CA TRP A 296 -0.39 14.25 10.23
C TRP A 296 -0.02 12.87 9.64
N ARG A 297 1.29 12.62 9.52
CA ARG A 297 1.78 11.33 9.05
C ARG A 297 2.23 10.46 10.22
N ALA A 298 1.77 9.22 10.23
CA ALA A 298 2.35 8.21 11.12
C ALA A 298 3.67 7.73 10.55
N CYS A 299 3.77 7.75 9.22
CA CYS A 299 4.98 7.32 8.52
C CYS A 299 5.65 8.51 7.81
N ASN A 300 6.58 9.16 8.52
CA ASN A 300 7.28 10.37 8.08
C ASN A 300 8.62 10.13 7.36
N LEU A 301 9.27 9.02 7.67
CA LEU A 301 10.63 8.68 7.21
C LEU A 301 11.59 9.88 7.23
N LEU A 302 11.56 10.65 8.30
CA LEU A 302 12.37 11.87 8.40
C LEU A 302 13.87 11.59 8.32
N GLN A 303 14.26 10.34 8.61
CA GLN A 303 15.65 9.93 8.56
C GLN A 303 16.23 10.00 7.15
N SER A 304 15.38 10.30 6.16
CA SER A 304 15.79 10.39 4.76
C SER A 304 15.44 11.74 4.12
N SER A 305 15.07 12.72 4.94
CA SER A 305 14.66 14.03 4.45
C SER A 305 15.73 14.75 3.65
N HIS A 306 16.99 14.37 3.89
CA HIS A 306 18.15 15.03 3.30
C HIS A 306 18.46 14.57 1.90
N LEU A 307 17.75 13.53 1.43
CA LEU A 307 18.02 13.00 0.09
C LEU A 307 17.15 13.66 -0.98
N GLU A 308 17.55 13.46 -2.22
CA GLU A 308 17.01 14.20 -3.36
C GLU A 308 15.50 14.15 -3.52
N ASP A 309 14.95 12.96 -3.66
CA ASP A 309 13.52 12.84 -4.00
C ASP A 309 12.63 12.59 -2.79
N TYR A 310 12.87 13.29 -1.69
CA TYR A 310 12.02 13.18 -0.51
C TYR A 310 10.68 13.76 -0.88
N PRO A 311 9.62 12.95 -0.68
CA PRO A 311 8.29 13.28 -1.19
C PRO A 311 7.47 14.21 -0.32
N PHE A 312 7.80 14.32 0.96
CA PHE A 312 6.90 14.97 1.92
C PHE A 312 7.20 16.45 2.19
N ASN A 313 8.20 16.99 1.50
CA ASN A 313 8.53 18.42 1.56
C ASN A 313 7.49 19.24 0.80
N ALA A 314 7.14 18.78 -0.39
CA ALA A 314 6.11 19.40 -1.21
C ALA A 314 4.76 19.43 -0.49
N GLU A 315 3.92 20.40 -0.84
CA GLU A 315 2.55 20.48 -0.33
C GLU A 315 1.78 19.19 -0.64
N TYR A 316 1.90 18.70 -1.87
CA TYR A 316 1.28 17.43 -2.25
C TYR A 316 2.03 16.76 -3.40
PA NAP B . -3.15 -0.07 9.86
O1A NAP B . -3.69 1.34 9.93
O2A NAP B . -3.73 -1.08 8.90
O5B NAP B . -3.31 -0.70 11.34
C5B NAP B . -2.86 -2.00 11.68
C4B NAP B . -3.01 -2.17 13.19
O4B NAP B . -4.38 -2.04 13.57
C3B NAP B . -2.56 -3.53 13.66
O3B NAP B . -1.90 -3.34 14.93
C2B NAP B . -3.85 -4.30 13.86
O2B NAP B . -3.71 -5.23 14.93
C1B NAP B . -4.87 -3.22 14.19
N9A NAP B . -6.24 -3.49 13.68
C8A NAP B . -6.59 -4.02 12.50
N7A NAP B . -7.94 -4.08 12.44
C5A NAP B . -8.45 -3.58 13.59
C6A NAP B . -9.74 -3.38 14.09
N6A NAP B . -10.85 -3.72 13.38
N1A NAP B . -9.89 -2.83 15.31
C2A NAP B . -8.83 -2.49 16.05
N3A NAP B . -7.57 -2.67 15.60
C4A NAP B . -7.36 -3.20 14.37
O3 NAP B . -1.52 0.05 9.80
PN NAP B . -0.47 -0.42 8.67
O1N NAP B . -0.22 -1.90 8.82
O2N NAP B . 0.70 0.51 8.81
O5D NAP B . -1.09 -0.14 7.19
C5D NAP B . -1.82 -1.16 6.48
C4D NAP B . -1.01 -1.85 5.38
O4D NAP B . -0.59 -0.91 4.38
C3D NAP B . 0.29 -2.50 5.85
O3D NAP B . 0.14 -3.78 6.48
C2D NAP B . 1.07 -2.58 4.54
O2D NAP B . 0.63 -3.71 3.76
C1D NAP B . 0.70 -1.25 3.86
N1N NAP B . 1.70 -0.19 4.15
C2N NAP B . 2.45 0.27 3.13
C3N NAP B . 3.42 1.26 3.36
C7N NAP B . 4.23 1.78 2.20
O7N NAP B . 5.22 2.43 2.42
N7N NAP B . 3.81 1.51 0.97
C4N NAP B . 3.61 1.78 4.62
C5N NAP B . 2.82 1.30 5.66
C6N NAP B . 1.88 0.32 5.38
P2B NAP B . -3.54 -6.81 14.63
O1X NAP B . -2.76 -6.87 13.35
O2X NAP B . -2.78 -7.27 15.85
O3X NAP B . -4.95 -7.35 14.53
C1 388 C . 11.95 3.40 8.40
N10 388 C . 11.35 2.10 8.14
C11 388 C . 10.42 1.77 7.24
O12 388 C . 9.91 2.57 6.46
C2 388 C . 13.36 3.48 7.83
C7 388 C . 13.57 3.51 6.45
F9 388 C . 12.57 3.44 5.56
C6 388 C . 14.87 3.60 5.94
C5 388 C . 15.95 3.67 6.80
BR8 388 C . 17.68 3.79 6.03
C4 388 C . 15.74 3.65 8.19
C3 388 C . 14.45 3.56 8.70
C8 388 C . 10.02 0.33 7.23
C9 388 C . 10.95 -0.57 7.72
C10 388 C . 10.66 -1.93 7.76
C12 388 C . 9.43 -2.37 7.30
CL1 388 C . 9.03 -4.11 7.34
C14 388 C . 8.48 -1.46 6.81
C15 388 C . 8.78 -0.11 6.77
O20 388 C . 7.82 0.75 6.30
C21 388 C . 6.44 0.49 6.52
C22 388 C . 5.83 -0.25 5.33
O24 388 C . 4.89 -1.05 5.51
O23 388 C . 6.27 0.00 4.19
C1 EDO D . -10.54 6.18 -9.48
C1 EDO D . -8.29 4.86 -13.02
O1 EDO D . -11.56 7.11 -9.83
O1 EDO D . -8.34 5.73 -11.89
C2 EDO D . -9.24 6.58 -10.14
C2 EDO D . -9.31 5.33 -14.04
O2 EDO D . -9.31 6.34 -11.55
O2 EDO D . -9.26 4.50 -15.21
#